data_5JWO
#
_entry.id   5JWO
#
_cell.length_a   42.480
_cell.length_b   56.590
_cell.length_c   146.140
_cell.angle_alpha   90.00
_cell.angle_beta   90.00
_cell.angle_gamma   90.00
#
_symmetry.space_group_name_H-M   'P 2 21 21'
#
loop_
_entity.id
_entity.type
_entity.pdbx_description
1 polymer 'Circadian clock protein kinase KaiC'
2 polymer 'Circadian clock protein KaiB'
3 non-polymer "ADENOSINE-5'-DIPHOSPHATE"
4 water water
#
loop_
_entity_poly.entity_id
_entity_poly.type
_entity_poly.pdbx_seq_one_letter_code
_entity_poly.pdbx_strand_id
1 'polypeptide(L)'
;DYKDDDDKAEVKKIPTMIEGFDDISHGGLPQGATTLVSGTSGTGKTLFAVQFLYNGITIFNEPGIFVTFEESPQDIIKNA
LSFGWNLQSLIDQGKLFILDASPDPDGQEVAGDFDLSALIERIQYAIRKYKATRVSIDSVTAVFQQYDAASVVRREIFRL
AFRLAQLGVTTIMTTERVDEYGPVARFGVEEFVSDNVVILRNVLEGERRRRTVEILKLRGTTHMKGEYPFTINNGINIFD
YKDDDDK
;
A
2 'polypeptide(L)'
;MAPLRKTAVLKLYVAGNTPNSVRALKTLNNILEKEFKGVYALKVIDVLKNPQLAEEDKILATPTLAKVLPPPVRRIIGDL
SNREKVLIALRLLAEEIGD
;
B
#
# COMPACT_ATOMS: atom_id res chain seq x y z
N VAL A 11 15.87 -8.12 -20.93
CA VAL A 11 15.14 -7.75 -19.71
C VAL A 11 16.01 -7.89 -18.47
N LYS A 12 16.46 -6.76 -17.92
CA LYS A 12 17.28 -6.77 -16.73
C LYS A 12 16.47 -7.30 -15.54
N LYS A 13 17.14 -8.04 -14.66
CA LYS A 13 16.54 -8.52 -13.44
C LYS A 13 17.33 -8.10 -12.19
N ILE A 14 16.61 -7.91 -11.10
CA ILE A 14 17.13 -7.55 -9.80
C ILE A 14 17.23 -8.82 -8.95
N PRO A 15 18.42 -9.18 -8.44
CA PRO A 15 18.44 -10.41 -7.64
C PRO A 15 17.68 -10.29 -6.30
N THR A 16 16.94 -11.33 -5.91
CA THR A 16 16.24 -11.37 -4.63
C THR A 16 17.10 -11.90 -3.49
N MET A 17 18.06 -12.76 -3.85
CA MET A 17 18.87 -13.51 -2.88
C MET A 17 18.05 -14.40 -1.94
N ILE A 18 16.80 -14.63 -2.29
CA ILE A 18 15.97 -15.67 -1.73
C ILE A 18 16.47 -16.97 -2.28
N GLU A 19 16.85 -17.87 -1.38
CA GLU A 19 17.56 -19.07 -1.77
C GLU A 19 16.77 -19.79 -2.85
N GLY A 20 17.43 -20.04 -3.98
CA GLY A 20 16.85 -20.81 -5.04
C GLY A 20 16.03 -19.99 -6.02
N PHE A 21 15.56 -18.81 -5.61
CA PHE A 21 14.61 -18.09 -6.46
C PHE A 21 15.29 -17.49 -7.68
N ASP A 22 16.49 -16.99 -7.53
CA ASP A 22 17.13 -16.28 -8.63
C ASP A 22 17.52 -17.35 -9.65
N ASP A 23 17.68 -18.59 -9.19
CA ASP A 23 17.91 -19.72 -10.09
C ASP A 23 16.69 -20.13 -10.92
N ILE A 24 15.49 -20.22 -10.33
CA ILE A 24 14.33 -20.66 -11.09
C ILE A 24 13.77 -19.51 -11.93
N SER A 25 14.04 -18.26 -11.52
CA SER A 25 13.62 -17.07 -12.30
C SER A 25 14.73 -16.60 -13.24
N HIS A 26 15.87 -17.28 -13.22
CA HIS A 26 17.00 -16.91 -14.06
C HIS A 26 17.42 -15.44 -13.90
N GLY A 27 17.86 -15.06 -12.71
CA GLY A 27 18.35 -13.71 -12.48
C GLY A 27 17.59 -12.90 -11.45
N GLY A 28 16.33 -13.28 -11.17
CA GLY A 28 15.51 -12.58 -10.18
C GLY A 28 14.27 -11.93 -10.73
N LEU A 29 13.89 -10.77 -10.17
CA LEU A 29 12.67 -10.07 -10.60
C LEU A 29 12.94 -9.02 -11.64
N PRO A 30 12.07 -8.92 -12.66
CA PRO A 30 12.24 -7.87 -13.68
C PRO A 30 12.37 -6.47 -13.12
N GLN A 31 13.48 -5.83 -13.44
CA GLN A 31 13.78 -4.52 -12.87
C GLN A 31 12.82 -3.44 -13.30
N GLY A 32 12.34 -2.69 -12.32
CA GLY A 32 11.54 -1.49 -12.58
C GLY A 32 10.13 -1.79 -12.98
N ALA A 33 9.67 -2.97 -12.55
CA ALA A 33 8.34 -3.43 -12.89
C ALA A 33 7.70 -4.08 -11.66
N THR A 34 6.38 -4.24 -11.69
CA THR A 34 5.68 -4.94 -10.64
C THR A 34 5.61 -6.44 -10.91
N THR A 35 5.97 -7.25 -9.92
CA THR A 35 5.68 -8.69 -9.94
C THR A 35 4.57 -9.02 -8.96
N LEU A 36 3.55 -9.75 -9.44
CA LEU A 36 2.46 -10.21 -8.61
C LEU A 36 2.85 -11.54 -7.92
N VAL A 37 2.74 -11.58 -6.60
CA VAL A 37 2.90 -12.82 -5.82
C VAL A 37 1.53 -13.22 -5.30
N SER A 38 1.02 -14.30 -5.86
CA SER A 38 -0.34 -14.76 -5.62
C SER A 38 -0.40 -16.03 -4.78
N GLY A 39 -1.41 -16.14 -3.94
CA GLY A 39 -1.50 -17.31 -3.07
C GLY A 39 -2.59 -17.22 -2.05
N THR A 40 -3.14 -18.36 -1.65
CA THR A 40 -4.14 -18.34 -0.59
C THR A 40 -3.51 -17.95 0.75
N SER A 41 -4.34 -17.73 1.76
CA SER A 41 -3.82 -17.43 3.09
C SER A 41 -2.85 -18.47 3.55
N GLY A 42 -1.76 -18.02 4.16
CA GLY A 42 -0.82 -18.92 4.76
C GLY A 42 0.22 -19.51 3.84
N THR A 43 0.41 -18.95 2.64
CA THR A 43 1.33 -19.54 1.67
C THR A 43 2.71 -18.88 1.65
N GLY A 44 2.87 -17.79 2.40
CA GLY A 44 4.14 -17.12 2.52
C GLY A 44 4.26 -15.83 1.75
N LYS A 45 3.15 -15.26 1.30
CA LYS A 45 3.23 -14.01 0.53
C LYS A 45 3.93 -12.90 1.31
N THR A 46 3.59 -12.72 2.58
CA THR A 46 4.15 -11.61 3.35
C THR A 46 5.63 -11.87 3.59
N LEU A 47 5.98 -13.12 3.86
CA LEU A 47 7.38 -13.49 4.03
C LEU A 47 8.23 -13.15 2.78
N PHE A 48 7.71 -13.43 1.60
CA PHE A 48 8.40 -13.16 0.34
C PHE A 48 8.57 -11.63 0.20
N ALA A 49 7.52 -10.89 0.55
CA ALA A 49 7.51 -9.43 0.42
C ALA A 49 8.53 -8.83 1.36
N VAL A 50 8.61 -9.34 2.58
CA VAL A 50 9.49 -8.75 3.56
C VAL A 50 10.93 -9.13 3.17
N GLN A 51 11.15 -10.39 2.83
CA GLN A 51 12.50 -10.85 2.47
C GLN A 51 13.05 -10.13 1.26
N PHE A 52 12.20 -9.76 0.28
CA PHE A 52 12.68 -8.98 -0.87
C PHE A 52 13.31 -7.64 -0.41
N LEU A 53 12.66 -6.93 0.52
CA LEU A 53 13.16 -5.66 1.02
C LEU A 53 14.33 -5.83 1.95
N TYR A 54 14.31 -6.87 2.78
CA TYR A 54 15.35 -7.10 3.77
C TYR A 54 16.67 -7.42 3.14
N ASN A 55 16.59 -8.27 2.11
CA ASN A 55 17.75 -8.71 1.34
C ASN A 55 18.25 -7.52 0.53
N GLY A 56 17.31 -6.81 -0.08
CA GLY A 56 17.67 -5.54 -0.66
C GLY A 56 18.54 -4.63 0.19
N ILE A 57 18.17 -4.42 1.45
CA ILE A 57 18.84 -3.44 2.28
C ILE A 57 20.17 -4.02 2.76
N THR A 58 20.10 -5.24 3.28
CA THR A 58 21.24 -5.80 4.03
C THR A 58 22.33 -6.28 3.09
N ILE A 59 21.98 -6.67 1.87
CA ILE A 59 22.96 -7.22 0.96
C ILE A 59 23.39 -6.18 -0.10
N PHE A 60 22.46 -5.39 -0.60
CA PHE A 60 22.78 -4.46 -1.69
C PHE A 60 22.70 -3.00 -1.32
N ASN A 61 22.30 -2.68 -0.09
CA ASN A 61 22.20 -1.31 0.34
C ASN A 61 21.17 -0.56 -0.51
N GLU A 62 20.11 -1.27 -0.93
CA GLU A 62 18.98 -0.66 -1.65
C GLU A 62 17.81 -0.41 -0.67
N PRO A 63 17.55 0.85 -0.31
CA PRO A 63 16.40 1.07 0.58
C PRO A 63 15.05 0.55 0.03
N GLY A 64 14.19 0.14 0.95
CA GLY A 64 12.83 -0.37 0.65
C GLY A 64 11.70 0.35 1.37
N ILE A 65 10.51 0.28 0.75
CA ILE A 65 9.30 0.79 1.31
C ILE A 65 8.35 -0.41 1.38
N PHE A 66 7.83 -0.71 2.55
CA PHE A 66 6.78 -1.74 2.72
C PHE A 66 5.48 -1.03 2.95
N VAL A 67 4.58 -1.18 2.01
CA VAL A 67 3.26 -0.61 2.12
C VAL A 67 2.34 -1.69 2.62
N THR A 68 1.70 -1.43 3.74
CA THR A 68 0.81 -2.41 4.30
C THR A 68 -0.60 -1.91 4.30
N PHE A 69 -1.48 -2.70 3.73
CA PHE A 69 -2.90 -2.34 3.70
C PHE A 69 -3.70 -3.13 4.75
N GLU A 70 -3.06 -4.05 5.47
CA GLU A 70 -3.80 -4.86 6.46
C GLU A 70 -3.08 -4.97 7.82
N GLU A 71 -1.89 -5.60 7.84
CA GLU A 71 -1.16 -5.83 9.09
C GLU A 71 -0.63 -4.53 9.65
N SER A 72 -0.66 -4.43 10.96
CA SER A 72 -0.02 -3.34 11.67
C SER A 72 1.47 -3.43 11.47
N PRO A 73 2.12 -2.27 11.31
CA PRO A 73 3.60 -2.33 11.29
C PRO A 73 4.24 -3.04 12.51
N GLN A 74 3.57 -3.02 13.66
CA GLN A 74 4.06 -3.62 14.85
C GLN A 74 4.05 -5.14 14.71
N ASP A 75 3.10 -5.69 13.96
CA ASP A 75 3.10 -7.12 13.71
C ASP A 75 4.09 -7.52 12.64
N ILE A 76 4.26 -6.67 11.63
CA ILE A 76 5.23 -6.95 10.59
C ILE A 76 6.61 -7.01 11.27
N ILE A 77 6.90 -6.05 12.17
CA ILE A 77 8.19 -6.04 12.84
C ILE A 77 8.37 -7.24 13.74
N LYS A 78 7.37 -7.56 14.57
CA LYS A 78 7.53 -8.59 15.59
C LYS A 78 7.60 -9.96 14.94
N ASN A 79 6.89 -10.09 13.82
CA ASN A 79 6.88 -11.36 13.09
C ASN A 79 8.15 -11.64 12.33
N ALA A 80 8.86 -10.60 11.87
CA ALA A 80 10.11 -10.82 11.14
C ALA A 80 11.22 -11.31 12.11
N LEU A 81 11.03 -11.12 13.39
CA LEU A 81 12.09 -11.45 14.35
C LEU A 81 12.49 -12.92 14.32
N SER A 82 11.53 -13.82 14.13
CA SER A 82 11.83 -15.25 14.23
C SER A 82 12.74 -15.69 13.10
N PHE A 83 12.85 -14.85 12.07
CA PHE A 83 13.76 -15.14 10.97
C PHE A 83 15.12 -14.52 11.18
N GLY A 84 15.32 -13.82 12.29
CA GLY A 84 16.60 -13.19 12.55
C GLY A 84 16.71 -11.85 11.86
N TRP A 85 15.59 -11.32 11.44
CA TRP A 85 15.55 -10.02 10.78
C TRP A 85 15.10 -8.93 11.71
N ASN A 86 16.03 -8.06 12.04
CA ASN A 86 15.74 -6.91 12.88
C ASN A 86 15.28 -5.71 12.03
N LEU A 87 13.99 -5.62 11.77
CA LEU A 87 13.48 -4.55 10.94
C LEU A 87 13.55 -3.21 11.65
N GLN A 88 13.40 -3.19 12.98
CA GLN A 88 13.48 -1.90 13.65
C GLN A 88 14.80 -1.23 13.52
N SER A 89 15.87 -2.01 13.49
CA SER A 89 17.17 -1.40 13.24
C SER A 89 17.27 -0.76 11.88
N LEU A 90 16.75 -1.41 10.85
CA LEU A 90 16.76 -0.81 9.52
C LEU A 90 15.82 0.38 9.40
N ILE A 91 14.71 0.41 10.13
CA ILE A 91 13.91 1.63 10.21
C ILE A 91 14.69 2.74 10.91
N ASP A 92 15.40 2.41 11.97
CA ASP A 92 16.07 3.49 12.74
C ASP A 92 17.22 4.09 11.93
N GLN A 93 17.80 3.25 11.09
CA GLN A 93 18.90 3.64 10.22
C GLN A 93 18.45 4.41 8.97
N GLY A 94 17.17 4.37 8.68
CA GLY A 94 16.59 5.11 7.59
C GLY A 94 16.51 4.40 6.25
N LYS A 95 16.80 3.10 6.27
CA LYS A 95 16.87 2.22 5.10
C LYS A 95 15.57 1.50 4.76
N LEU A 96 14.70 1.38 5.74
CA LEU A 96 13.38 0.80 5.55
C LEU A 96 12.36 1.77 6.08
N PHE A 97 11.23 1.88 5.40
CA PHE A 97 10.08 2.61 5.89
C PHE A 97 8.83 1.74 5.71
N ILE A 98 8.11 1.48 6.79
CA ILE A 98 6.82 0.81 6.66
C ILE A 98 5.77 1.92 6.56
N LEU A 99 5.00 1.87 5.48
CA LEU A 99 4.02 2.89 5.21
C LEU A 99 2.67 2.29 5.58
N ASP A 100 2.06 2.84 6.61
CA ASP A 100 0.83 2.27 7.19
C ASP A 100 -0.42 2.79 6.49
N ALA A 101 -0.97 1.94 5.63
CA ALA A 101 -2.20 2.22 4.92
C ALA A 101 -3.26 1.19 5.33
N SER A 102 -3.17 0.76 6.57
CA SER A 102 -4.16 -0.16 7.08
C SER A 102 -5.47 0.63 7.35
N PRO A 103 -6.59 -0.09 7.49
CA PRO A 103 -7.85 0.64 7.54
C PRO A 103 -8.01 1.35 8.89
N ASP A 104 -8.67 2.50 8.91
CA ASP A 104 -8.98 3.14 10.18
C ASP A 104 -10.14 2.38 10.83
N PRO A 105 -10.03 2.11 12.15
CA PRO A 105 -11.05 1.31 12.83
C PRO A 105 -12.48 1.85 12.76
N ASP A 106 -12.67 3.14 12.48
CA ASP A 106 -14.02 3.71 12.38
C ASP A 106 -14.65 3.56 10.99
N GLY A 107 -13.97 2.83 10.09
CA GLY A 107 -14.50 2.65 8.74
C GLY A 107 -14.54 3.90 7.87
N GLN A 108 -14.91 3.72 6.59
CA GLN A 108 -14.92 4.80 5.59
C GLN A 108 -16.33 5.33 5.31
N GLU A 109 -16.61 6.57 5.72
CA GLU A 109 -17.93 7.16 5.49
C GLU A 109 -17.93 8.02 4.21
N VAL A 110 -18.65 7.55 3.19
CA VAL A 110 -18.63 8.18 1.86
C VAL A 110 -19.68 9.25 1.68
N ALA A 111 -19.27 10.43 1.20
CA ALA A 111 -20.18 11.51 0.82
C ALA A 111 -19.85 12.15 -0.52
N GLY A 112 -19.52 11.33 -1.51
CA GLY A 112 -19.44 11.80 -2.87
C GLY A 112 -18.36 11.02 -3.56
N ASP A 113 -17.87 11.50 -4.70
CA ASP A 113 -16.88 10.75 -5.43
C ASP A 113 -15.48 11.07 -4.86
N PHE A 114 -14.58 10.10 -4.99
CA PHE A 114 -13.23 10.15 -4.40
C PHE A 114 -12.28 9.29 -5.22
N ASP A 115 -10.97 9.49 -5.03
CA ASP A 115 -10.03 8.45 -5.45
C ASP A 115 -8.97 8.34 -4.38
N LEU A 116 -7.79 7.80 -4.71
CA LEU A 116 -6.80 7.51 -3.67
C LEU A 116 -5.53 8.27 -3.95
N SER A 117 -5.72 9.52 -4.33
CA SER A 117 -4.60 10.41 -4.65
C SER A 117 -3.61 10.52 -3.49
N ALA A 118 -4.12 10.81 -2.29
CA ALA A 118 -3.25 10.87 -1.09
C ALA A 118 -2.37 9.64 -0.91
N LEU A 119 -2.91 8.44 -1.08
CA LEU A 119 -2.11 7.23 -0.99
C LEU A 119 -0.98 7.22 -2.02
N ILE A 120 -1.29 7.58 -3.26
CA ILE A 120 -0.27 7.49 -4.28
C ILE A 120 0.79 8.55 -4.05
N GLU A 121 0.40 9.70 -3.53
CA GLU A 121 1.36 10.77 -3.28
C GLU A 121 2.22 10.48 -2.06
N ARG A 122 1.64 9.85 -1.05
CA ARG A 122 2.43 9.34 0.08
C ARG A 122 3.55 8.36 -0.34
N ILE A 123 3.22 7.40 -1.21
CA ILE A 123 4.17 6.37 -1.65
C ILE A 123 5.29 7.01 -2.47
N GLN A 124 4.91 7.89 -3.37
CA GLN A 124 5.88 8.65 -4.13
C GLN A 124 6.81 9.50 -3.25
N TYR A 125 6.24 10.23 -2.29
CA TYR A 125 7.05 10.99 -1.34
C TYR A 125 8.01 10.12 -0.57
N ALA A 126 7.51 8.99 -0.07
CA ALA A 126 8.37 8.03 0.64
C ALA A 126 9.52 7.53 -0.22
N ILE A 127 9.25 7.21 -1.48
CA ILE A 127 10.26 6.70 -2.32
C ILE A 127 11.40 7.75 -2.46
N ARG A 128 11.01 9.01 -2.60
CA ARG A 128 11.99 10.08 -2.79
C ARG A 128 12.72 10.38 -1.49
N LYS A 129 12.00 10.39 -0.38
CA LYS A 129 12.64 10.70 0.89
C LYS A 129 13.69 9.67 1.28
N TYR A 130 13.39 8.40 1.05
CA TYR A 130 14.22 7.29 1.52
C TYR A 130 15.14 6.72 0.42
N LYS A 131 15.03 7.27 -0.80
CA LYS A 131 15.81 6.83 -1.95
C LYS A 131 15.58 5.36 -2.23
N ALA A 132 14.32 4.95 -2.07
CA ALA A 132 13.98 3.54 -2.20
C ALA A 132 14.05 3.08 -3.66
N THR A 133 14.57 1.88 -3.89
CA THR A 133 14.47 1.27 -5.21
C THR A 133 13.72 -0.06 -5.18
N ARG A 134 13.29 -0.49 -3.99
CA ARG A 134 12.42 -1.64 -3.88
C ARG A 134 11.19 -1.27 -3.08
N VAL A 135 10.05 -1.76 -3.54
CA VAL A 135 8.77 -1.57 -2.85
C VAL A 135 8.01 -2.88 -2.77
N SER A 136 7.44 -3.14 -1.61
CA SER A 136 6.50 -4.21 -1.45
C SER A 136 5.16 -3.67 -0.99
N ILE A 137 4.09 -4.13 -1.61
CA ILE A 137 2.71 -3.76 -1.27
C ILE A 137 1.94 -5.05 -0.87
N ASP A 138 1.38 -5.04 0.35
CA ASP A 138 0.78 -6.18 0.99
C ASP A 138 -0.53 -5.78 1.70
N SER A 139 -1.71 -6.11 1.16
CA SER A 139 -1.93 -6.84 -0.08
C SER A 139 -2.88 -6.06 -0.95
N VAL A 140 -2.89 -6.33 -2.27
CA VAL A 140 -3.82 -5.62 -3.16
C VAL A 140 -5.24 -5.97 -2.75
N THR A 141 -5.43 -7.23 -2.37
CA THR A 141 -6.69 -7.77 -1.94
C THR A 141 -7.31 -6.98 -0.78
N ALA A 142 -6.49 -6.63 0.19
CA ALA A 142 -6.96 -5.87 1.34
C ALA A 142 -7.46 -4.46 0.95
N VAL A 143 -6.84 -3.83 -0.05
CA VAL A 143 -7.31 -2.53 -0.47
C VAL A 143 -8.73 -2.63 -0.93
N PHE A 144 -9.01 -3.63 -1.75
CA PHE A 144 -10.35 -3.81 -2.30
C PHE A 144 -11.39 -4.06 -1.22
N GLN A 145 -10.98 -4.74 -0.15
CA GLN A 145 -11.86 -5.05 0.96
C GLN A 145 -12.21 -3.81 1.76
N GLN A 146 -11.29 -2.84 1.79
CA GLN A 146 -11.45 -1.59 2.52
C GLN A 146 -12.55 -0.66 1.93
N TYR A 147 -12.85 -0.80 0.63
CA TYR A 147 -13.72 0.15 -0.10
C TYR A 147 -14.85 -0.51 -0.88
N ASP A 148 -16.09 -0.12 -0.59
CA ASP A 148 -17.23 -0.59 -1.38
C ASP A 148 -17.28 0.13 -2.74
N ALA A 149 -16.13 0.16 -3.41
CA ALA A 149 -16.00 0.88 -4.68
C ALA A 149 -14.88 0.23 -5.47
N ALA A 150 -15.04 -1.06 -5.75
CA ALA A 150 -14.07 -1.80 -6.57
C ALA A 150 -13.59 -1.02 -7.80
N SER A 151 -14.41 -0.15 -8.37
CA SER A 151 -14.02 0.52 -9.60
C SER A 151 -12.92 1.58 -9.37
N VAL A 152 -13.03 2.29 -8.25
CA VAL A 152 -12.03 3.26 -7.79
C VAL A 152 -10.70 2.53 -7.55
N VAL A 153 -10.75 1.46 -6.74
CA VAL A 153 -9.55 0.75 -6.37
C VAL A 153 -8.83 0.19 -7.59
N ARG A 154 -9.56 -0.45 -8.49
CA ARG A 154 -8.92 -1.07 -9.63
C ARG A 154 -8.15 -0.06 -10.46
N ARG A 155 -8.75 1.10 -10.66
CA ARG A 155 -8.12 2.17 -11.44
C ARG A 155 -6.90 2.73 -10.69
N GLU A 156 -6.97 2.77 -9.37
CA GLU A 156 -5.90 3.39 -8.61
C GLU A 156 -4.72 2.42 -8.51
N ILE A 157 -4.96 1.13 -8.50
CA ILE A 157 -3.81 0.22 -8.50
C ILE A 157 -3.02 0.32 -9.80
N PHE A 158 -3.72 0.54 -10.93
CA PHE A 158 -3.05 0.70 -12.19
C PHE A 158 -2.23 1.96 -12.16
N ARG A 159 -2.81 3.01 -11.60
CA ARG A 159 -2.19 4.33 -11.65
C ARG A 159 -0.91 4.34 -10.80
N LEU A 160 -1.04 3.70 -9.65
CA LEU A 160 0.08 3.41 -8.78
C LEU A 160 1.18 2.60 -9.47
N ALA A 161 0.84 1.46 -10.08
CA ALA A 161 1.85 0.65 -10.79
C ALA A 161 2.56 1.46 -11.86
N PHE A 162 1.80 2.31 -12.55
CA PHE A 162 2.34 3.22 -13.53
C PHE A 162 3.32 4.19 -12.91
N ARG A 163 2.97 4.78 -11.77
CA ARG A 163 3.86 5.73 -11.13
C ARG A 163 5.12 5.08 -10.56
N LEU A 164 4.98 3.93 -9.91
CA LEU A 164 6.12 3.17 -9.42
C LEU A 164 7.12 2.87 -10.54
N ALA A 165 6.61 2.52 -11.71
CA ALA A 165 7.45 2.13 -12.84
C ALA A 165 8.19 3.33 -13.46
N GLN A 166 7.49 4.47 -13.51
CA GLN A 166 8.11 5.75 -13.91
C GLN A 166 9.16 6.24 -12.91
N LEU A 167 9.00 5.88 -11.64
CA LEU A 167 10.06 6.15 -10.67
C LEU A 167 11.21 5.14 -10.74
N GLY A 168 11.08 4.06 -11.48
CA GLY A 168 12.18 3.14 -11.65
C GLY A 168 12.24 2.05 -10.60
N VAL A 169 11.35 2.05 -9.62
CA VAL A 169 11.49 1.06 -8.56
C VAL A 169 10.99 -0.32 -9.01
N THR A 170 11.44 -1.34 -8.30
CA THR A 170 11.00 -2.68 -8.52
C THR A 170 10.04 -3.03 -7.39
N THR A 171 8.90 -3.56 -7.77
CA THR A 171 7.79 -3.82 -6.85
C THR A 171 7.26 -5.24 -6.81
N ILE A 172 6.95 -5.69 -5.59
CA ILE A 172 6.11 -6.85 -5.34
C ILE A 172 4.75 -6.39 -4.82
N MET A 173 3.68 -6.84 -5.48
CA MET A 173 2.34 -6.65 -4.99
C MET A 173 1.81 -8.01 -4.65
N THR A 174 1.35 -8.23 -3.44
CA THR A 174 0.79 -9.57 -3.10
C THR A 174 -0.70 -9.60 -3.35
N THR A 175 -1.19 -10.79 -3.65
CA THR A 175 -2.62 -11.04 -3.85
C THR A 175 -3.07 -12.37 -3.31
N GLU A 176 -4.29 -12.41 -2.74
CA GLU A 176 -5.01 -13.65 -2.37
C GLU A 176 -5.77 -14.20 -3.54
N GLU A 191 -8.64 -7.90 -11.31
CA GLU A 191 -8.22 -7.25 -10.07
C GLU A 191 -6.95 -6.42 -10.27
N PHE A 192 -5.82 -7.10 -10.49
CA PHE A 192 -4.68 -6.46 -11.15
C PHE A 192 -4.26 -7.33 -12.32
N VAL A 193 -3.77 -6.69 -13.37
CA VAL A 193 -3.24 -7.41 -14.52
C VAL A 193 -1.71 -7.22 -14.59
N SER A 194 -0.97 -8.34 -14.65
CA SER A 194 0.50 -8.31 -14.76
C SER A 194 1.04 -9.37 -15.74
N ASP A 195 2.23 -9.13 -16.29
CA ASP A 195 2.91 -10.14 -17.11
C ASP A 195 4.07 -10.75 -16.31
N ASN A 196 4.14 -10.40 -15.03
CA ASN A 196 5.01 -11.06 -14.06
C ASN A 196 4.22 -11.60 -12.86
N VAL A 197 4.18 -12.92 -12.74
CA VAL A 197 3.32 -13.57 -11.76
C VAL A 197 3.98 -14.82 -11.17
N VAL A 198 3.98 -14.85 -9.84
CA VAL A 198 4.59 -15.91 -9.06
C VAL A 198 3.51 -16.51 -8.19
N ILE A 199 3.33 -17.83 -8.20
CA ILE A 199 2.28 -18.49 -7.41
C ILE A 199 2.88 -19.27 -6.23
N LEU A 200 2.32 -19.05 -5.03
CA LEU A 200 2.73 -19.75 -3.79
C LEU A 200 1.58 -20.63 -3.39
N ARG A 201 1.88 -21.85 -2.98
CA ARG A 201 0.89 -22.84 -2.65
C ARG A 201 1.34 -23.62 -1.42
N ASN A 202 0.37 -24.03 -0.62
CA ASN A 202 0.65 -24.78 0.59
C ASN A 202 -0.40 -25.90 0.73
N VAL A 203 -0.01 -27.14 0.41
CA VAL A 203 -0.91 -28.29 0.44
C VAL A 203 -0.73 -29.14 1.70
N LEU A 204 -1.84 -29.51 2.33
CA LEU A 204 -1.85 -30.41 3.47
C LEU A 204 -1.74 -31.86 2.96
N GLU A 205 -0.67 -32.55 3.34
CA GLU A 205 -0.43 -33.91 2.86
C GLU A 205 -0.39 -34.89 4.03
N GLY A 206 -1.50 -35.56 4.28
CA GLY A 206 -1.67 -36.27 5.54
C GLY A 206 -1.74 -35.23 6.64
N GLU A 207 -0.73 -35.18 7.51
CA GLU A 207 -0.66 -34.09 8.49
C GLU A 207 0.64 -33.28 8.36
N ARG A 208 1.20 -33.23 7.15
CA ARG A 208 2.37 -32.42 6.87
C ARG A 208 2.07 -31.37 5.79
N ARG A 209 2.89 -30.34 5.73
CA ARG A 209 2.67 -29.20 4.83
C ARG A 209 3.66 -29.23 3.66
N ARG A 210 3.11 -29.25 2.44
CA ARG A 210 3.94 -29.24 1.23
C ARG A 210 3.82 -27.90 0.52
N ARG A 211 4.86 -27.07 0.65
CA ARG A 211 4.83 -25.72 0.10
C ARG A 211 5.54 -25.70 -1.25
N THR A 212 4.98 -24.96 -2.21
CA THR A 212 5.61 -24.82 -3.52
C THR A 212 5.55 -23.38 -4.02
N VAL A 213 6.46 -23.10 -4.94
CA VAL A 213 6.49 -21.84 -5.68
C VAL A 213 6.52 -22.17 -7.17
N GLU A 214 5.75 -21.42 -7.95
CA GLU A 214 5.80 -21.51 -9.38
C GLU A 214 5.92 -20.12 -9.98
N ILE A 215 6.87 -19.95 -10.89
CA ILE A 215 6.88 -18.78 -11.72
C ILE A 215 5.96 -19.01 -12.92
N LEU A 216 4.78 -18.43 -12.88
CA LEU A 216 3.76 -18.62 -13.90
C LEU A 216 4.14 -17.91 -15.21
N LYS A 217 4.52 -16.64 -15.11
CA LYS A 217 4.96 -15.91 -16.28
C LYS A 217 5.91 -14.83 -15.84
N LEU A 218 6.85 -14.49 -16.72
CA LEU A 218 7.85 -13.47 -16.48
C LEU A 218 8.11 -12.68 -17.77
N ARG A 219 7.99 -11.36 -17.67
CA ARG A 219 7.81 -10.46 -18.82
C ARG A 219 8.72 -10.78 -19.98
N GLY A 220 8.16 -11.50 -20.96
CA GLY A 220 8.90 -11.90 -22.15
C GLY A 220 10.37 -12.15 -21.86
N THR A 221 10.62 -13.10 -20.98
CA THR A 221 11.98 -13.49 -20.61
C THR A 221 11.93 -14.98 -20.28
N THR A 222 13.04 -15.55 -19.84
CA THR A 222 13.16 -17.01 -19.65
C THR A 222 13.18 -17.44 -18.19
N HIS A 223 12.51 -18.54 -17.88
CA HIS A 223 12.43 -18.99 -16.51
C HIS A 223 12.12 -20.46 -16.49
N MET A 224 12.36 -21.10 -15.34
CA MET A 224 12.05 -22.52 -15.20
C MET A 224 10.56 -22.68 -14.93
N LYS A 225 9.97 -23.73 -15.49
CA LYS A 225 8.52 -23.87 -15.47
C LYS A 225 8.10 -24.95 -14.47
N GLY A 226 6.94 -24.73 -13.85
CA GLY A 226 6.39 -25.66 -12.89
C GLY A 226 6.62 -25.31 -11.43
N GLU A 227 6.03 -26.11 -10.56
CA GLU A 227 6.18 -25.95 -9.12
C GLU A 227 7.47 -26.54 -8.57
N TYR A 228 8.15 -25.76 -7.74
CA TYR A 228 9.32 -26.20 -7.03
C TYR A 228 9.03 -26.16 -5.55
N PRO A 229 9.53 -27.15 -4.79
CA PRO A 229 9.24 -27.15 -3.36
C PRO A 229 10.06 -26.11 -2.62
N PHE A 230 9.55 -25.55 -1.51
CA PHE A 230 10.37 -24.71 -0.65
C PHE A 230 10.02 -24.99 0.79
N THR A 231 10.92 -24.56 1.67
CA THR A 231 10.69 -24.61 3.10
C THR A 231 10.91 -23.22 3.67
N ILE A 232 10.39 -23.02 4.88
CA ILE A 232 10.54 -21.77 5.58
C ILE A 232 11.49 -22.05 6.70
N ASN A 233 12.66 -21.47 6.56
CA ASN A 233 13.65 -21.46 7.60
C ASN A 233 14.60 -20.31 7.34
N ASN A 234 14.52 -19.28 8.19
CA ASN A 234 15.31 -18.06 8.00
C ASN A 234 15.07 -17.48 6.61
N GLY A 235 13.82 -17.57 6.17
CA GLY A 235 13.42 -17.11 4.87
C GLY A 235 12.78 -18.23 4.10
N ILE A 236 12.55 -17.99 2.82
CA ILE A 236 12.05 -18.98 1.90
C ILE A 236 13.26 -19.69 1.34
N ASN A 237 13.27 -21.02 1.40
CA ASN A 237 14.38 -21.82 0.88
C ASN A 237 13.88 -22.73 -0.21
N ILE A 238 14.10 -22.34 -1.46
CA ILE A 238 13.62 -23.12 -2.59
C ILE A 238 14.67 -24.19 -2.94
N PHE A 239 14.21 -25.40 -3.30
CA PHE A 239 15.15 -26.48 -3.60
C PHE A 239 14.61 -27.41 -4.71
N ASP A 240 15.45 -28.35 -5.15
CA ASP A 240 15.12 -29.34 -6.19
C ASP A 240 14.90 -28.78 -7.60
N TYR A 241 15.79 -27.91 -8.08
CA TYR A 241 15.67 -27.35 -9.44
C TYR A 241 16.86 -27.66 -10.35
N THR B 7 -15.45 26.54 17.71
CA THR B 7 -13.99 26.64 17.69
C THR B 7 -13.34 25.32 17.31
N ALA B 8 -14.14 24.35 16.85
CA ALA B 8 -13.61 23.05 16.46
C ALA B 8 -12.95 23.11 15.10
N VAL B 9 -11.96 22.25 14.90
CA VAL B 9 -11.18 22.27 13.66
C VAL B 9 -11.49 21.14 12.67
N LEU B 10 -11.73 21.56 11.44
CA LEU B 10 -11.87 20.74 10.27
C LEU B 10 -10.62 20.82 9.40
N LYS B 11 -10.13 19.68 8.95
CA LYS B 11 -9.12 19.66 7.89
C LYS B 11 -9.66 19.02 6.61
N LEU B 12 -9.58 19.74 5.50
CA LEU B 12 -9.95 19.18 4.20
C LEU B 12 -8.70 18.85 3.42
N TYR B 13 -8.55 17.60 3.01
CA TYR B 13 -7.36 17.18 2.28
C TYR B 13 -7.72 17.03 0.83
N VAL B 14 -7.13 17.90 0.00
CA VAL B 14 -7.46 18.04 -1.41
C VAL B 14 -6.23 17.67 -2.18
N ALA B 15 -6.44 17.30 -3.45
CA ALA B 15 -5.38 17.24 -4.43
C ALA B 15 -5.48 18.42 -5.41
N GLY B 16 -4.89 19.55 -5.04
CA GLY B 16 -4.73 20.68 -5.95
C GLY B 16 -6.05 21.15 -6.49
N ASN B 17 -6.11 21.33 -7.81
CA ASN B 17 -7.29 21.86 -8.48
C ASN B 17 -8.01 20.79 -9.27
N THR B 18 -7.82 19.53 -8.87
CA THR B 18 -8.49 18.44 -9.53
C THR B 18 -9.98 18.64 -9.27
N PRO B 19 -10.82 18.09 -10.14
CA PRO B 19 -12.22 18.53 -10.04
C PRO B 19 -12.96 18.07 -8.76
N ASN B 20 -12.70 16.86 -8.23
CA ASN B 20 -13.36 16.43 -7.01
C ASN B 20 -12.95 17.36 -5.87
N SER B 21 -11.69 17.77 -5.83
CA SER B 21 -11.26 18.63 -4.77
C SER B 21 -11.83 20.05 -4.94
N VAL B 22 -11.93 20.54 -6.16
CA VAL B 22 -12.42 21.92 -6.37
C VAL B 22 -13.85 21.95 -5.88
N ARG B 23 -14.61 20.91 -6.26
CA ARG B 23 -16.03 20.77 -5.89
C ARG B 23 -16.22 20.71 -4.39
N ALA B 24 -15.44 19.87 -3.73
CA ALA B 24 -15.52 19.71 -2.29
C ALA B 24 -15.28 21.00 -1.52
N LEU B 25 -14.32 21.80 -1.98
CA LEU B 25 -13.95 23.03 -1.26
C LEU B 25 -15.05 24.09 -1.48
N LYS B 26 -15.53 24.20 -2.69
CA LYS B 26 -16.62 25.13 -2.99
C LYS B 26 -17.83 24.78 -2.12
N THR B 27 -18.21 23.51 -2.13
CA THR B 27 -19.36 23.04 -1.37
C THR B 27 -19.25 23.29 0.12
N LEU B 28 -18.08 23.00 0.66
CA LEU B 28 -17.86 23.11 2.10
C LEU B 28 -17.81 24.58 2.52
N ASN B 29 -17.14 25.45 1.77
CA ASN B 29 -17.18 26.88 2.11
C ASN B 29 -18.63 27.41 2.12
N ASN B 30 -19.44 26.96 1.17
CA ASN B 30 -20.83 27.38 1.13
C ASN B 30 -21.58 26.96 2.38
N ILE B 31 -21.37 25.73 2.84
CA ILE B 31 -22.03 25.20 4.01
C ILE B 31 -21.58 25.93 5.25
N LEU B 32 -20.27 26.17 5.35
CA LEU B 32 -19.74 26.73 6.58
C LEU B 32 -20.04 28.25 6.69
N GLU B 33 -20.49 28.86 5.60
CA GLU B 33 -20.90 30.25 5.64
C GLU B 33 -22.40 30.40 5.84
N LYS B 34 -23.16 29.34 5.58
CA LYS B 34 -24.60 29.38 5.78
C LYS B 34 -24.95 28.55 6.99
N GLU B 35 -25.24 27.30 6.73
CA GLU B 35 -25.96 26.46 7.69
C GLU B 35 -25.08 26.12 8.89
N PHE B 36 -23.81 26.51 8.87
CA PHE B 36 -22.90 26.19 9.99
C PHE B 36 -22.06 27.41 10.39
N LYS B 37 -22.62 28.60 10.14
CA LYS B 37 -21.91 29.89 10.22
C LYS B 37 -20.89 30.06 11.37
N GLY B 38 -21.21 29.65 12.58
CA GLY B 38 -20.33 29.94 13.71
C GLY B 38 -19.39 28.85 14.20
N VAL B 39 -19.51 27.64 13.64
CA VAL B 39 -19.15 26.40 14.34
C VAL B 39 -17.71 25.92 14.21
N TYR B 40 -17.25 25.78 12.97
CA TYR B 40 -15.94 25.18 12.69
C TYR B 40 -14.88 26.16 12.19
N ALA B 41 -13.61 25.85 12.46
CA ALA B 41 -12.48 26.48 11.76
C ALA B 41 -11.94 25.55 10.67
N LEU B 42 -11.78 26.05 9.44
CA LEU B 42 -11.36 25.20 8.34
C LEU B 42 -9.91 25.44 7.90
N LYS B 43 -9.14 24.35 7.95
CA LYS B 43 -7.77 24.33 7.46
C LYS B 43 -7.68 23.42 6.22
N VAL B 44 -7.20 23.96 5.10
CA VAL B 44 -7.10 23.16 3.87
C VAL B 44 -5.68 22.68 3.63
N ILE B 45 -5.55 21.38 3.39
CA ILE B 45 -4.25 20.74 3.22
C ILE B 45 -4.16 20.11 1.86
N ASP B 46 -3.23 20.62 1.06
CA ASP B 46 -3.06 20.12 -0.29
C ASP B 46 -2.08 18.95 -0.26
N VAL B 47 -2.54 17.73 -0.58
CA VAL B 47 -1.64 16.56 -0.52
C VAL B 47 -0.68 16.47 -1.70
N LEU B 48 -0.87 17.29 -2.74
CA LEU B 48 0.09 17.36 -3.83
C LEU B 48 1.29 18.19 -3.43
N LYS B 49 1.07 19.21 -2.59
CA LYS B 49 2.13 20.08 -2.03
C LYS B 49 2.77 19.57 -0.73
N ASN B 50 1.98 18.90 0.08
CA ASN B 50 2.43 18.42 1.37
C ASN B 50 2.00 16.96 1.69
N PRO B 51 2.55 16.00 0.94
CA PRO B 51 2.24 14.59 1.15
C PRO B 51 2.65 14.07 2.52
N GLN B 52 3.66 14.73 3.07
CA GLN B 52 4.21 14.37 4.39
C GLN B 52 3.15 14.56 5.45
N LEU B 53 2.30 15.55 5.25
CA LEU B 53 1.17 15.74 6.15
C LEU B 53 0.08 14.69 5.93
N ALA B 54 -0.07 14.20 4.70
CA ALA B 54 -1.02 13.13 4.49
C ALA B 54 -0.45 11.90 5.18
N GLU B 55 0.89 11.76 5.20
CA GLU B 55 1.51 10.64 5.88
C GLU B 55 1.32 10.71 7.40
N GLU B 56 1.50 11.90 7.94
CA GLU B 56 1.34 12.13 9.38
C GLU B 56 -0.08 11.81 9.84
N ASP B 57 -1.08 12.28 9.06
CA ASP B 57 -2.48 12.15 9.46
C ASP B 57 -3.17 10.90 8.93
N LYS B 58 -2.41 10.10 8.20
CA LYS B 58 -2.83 8.79 7.69
C LYS B 58 -4.02 8.91 6.72
N ILE B 59 -3.86 9.73 5.69
CA ILE B 59 -4.90 9.98 4.69
C ILE B 59 -4.67 9.12 3.44
N LEU B 60 -5.71 8.41 2.98
CA LEU B 60 -5.61 7.58 1.77
C LEU B 60 -6.46 8.14 0.63
N ALA B 61 -7.70 8.50 0.94
CA ALA B 61 -8.63 8.91 -0.09
C ALA B 61 -8.62 10.42 -0.28
N THR B 62 -8.96 10.87 -1.49
CA THR B 62 -9.01 12.28 -1.79
C THR B 62 -10.31 12.59 -2.50
N PRO B 63 -11.04 13.62 -2.05
CA PRO B 63 -10.89 14.43 -0.83
C PRO B 63 -11.23 13.71 0.49
N THR B 64 -10.62 14.11 1.58
CA THR B 64 -10.97 13.62 2.92
C THR B 64 -11.25 14.86 3.76
N LEU B 65 -12.40 14.83 4.39
CA LEU B 65 -12.77 15.82 5.41
C LEU B 65 -12.61 15.16 6.77
N ALA B 66 -11.83 15.78 7.64
CA ALA B 66 -11.64 15.30 9.00
C ALA B 66 -11.93 16.39 10.01
N LYS B 67 -12.68 16.04 11.07
CA LYS B 67 -12.81 16.89 12.24
C LYS B 67 -11.71 16.48 13.16
N VAL B 68 -10.79 17.39 13.49
CA VAL B 68 -9.57 16.96 14.14
C VAL B 68 -9.51 17.43 15.60
N LEU B 69 -10.09 18.60 15.89
CA LEU B 69 -10.12 19.13 17.25
C LEU B 69 -11.52 19.66 17.58
N PRO B 70 -12.04 19.36 18.79
CA PRO B 70 -11.49 18.48 19.83
C PRO B 70 -11.59 17.01 19.44
N PRO B 71 -10.72 16.16 20.01
CA PRO B 71 -10.79 14.72 19.73
C PRO B 71 -12.11 14.13 20.24
N PRO B 72 -12.55 12.99 19.68
CA PRO B 72 -11.92 12.09 18.69
C PRO B 72 -11.98 12.58 17.23
N VAL B 73 -11.04 12.14 16.41
CA VAL B 73 -11.02 12.51 15.00
C VAL B 73 -12.03 11.66 14.21
N ARG B 74 -12.82 12.31 13.37
CA ARG B 74 -13.83 11.63 12.57
C ARG B 74 -13.78 12.08 11.12
N ARG B 75 -14.00 11.15 10.22
CA ARG B 75 -13.70 11.35 8.81
C ARG B 75 -14.83 11.00 7.86
N ILE B 76 -14.92 11.81 6.81
CA ILE B 76 -15.83 11.64 5.69
C ILE B 76 -14.96 11.69 4.45
N ILE B 77 -15.24 10.87 3.44
CA ILE B 77 -14.42 10.96 2.22
C ILE B 77 -15.35 11.26 1.10
N GLY B 78 -14.82 12.02 0.13
CA GLY B 78 -15.57 12.28 -1.08
C GLY B 78 -15.69 13.75 -1.40
N ASP B 79 -16.31 14.07 -2.52
CA ASP B 79 -16.30 15.44 -3.02
C ASP B 79 -17.43 16.25 -2.40
N LEU B 80 -18.16 15.64 -1.47
CA LEU B 80 -19.23 16.26 -0.70
C LEU B 80 -20.40 16.65 -1.57
N SER B 81 -20.58 15.98 -2.71
CA SER B 81 -21.67 16.36 -3.62
C SER B 81 -23.00 15.82 -3.10
N ASN B 82 -22.91 15.03 -2.05
CA ASN B 82 -24.07 14.59 -1.32
C ASN B 82 -24.33 15.51 -0.14
N ARG B 83 -24.98 16.63 -0.40
CA ARG B 83 -24.97 17.70 0.57
C ARG B 83 -25.64 17.28 1.90
N GLU B 84 -26.80 16.64 1.82
CA GLU B 84 -27.54 16.30 3.03
C GLU B 84 -26.76 15.32 3.89
N LYS B 85 -26.13 14.31 3.29
CA LYS B 85 -25.23 13.48 4.07
C LYS B 85 -24.11 14.31 4.74
N VAL B 86 -23.57 15.31 4.04
CA VAL B 86 -22.56 16.16 4.69
C VAL B 86 -23.18 17.00 5.83
N LEU B 87 -24.34 17.60 5.59
CA LEU B 87 -24.98 18.41 6.61
C LEU B 87 -25.28 17.58 7.86
N ILE B 88 -25.80 16.38 7.66
CA ILE B 88 -26.09 15.52 8.79
C ILE B 88 -24.82 15.16 9.51
N ALA B 89 -23.79 14.80 8.76
CA ALA B 89 -22.53 14.41 9.38
C ALA B 89 -21.91 15.53 10.21
N LEU B 90 -21.97 16.77 9.74
CA LEU B 90 -21.34 17.88 10.45
C LEU B 90 -22.11 18.26 11.72
N ARG B 91 -23.41 18.02 11.71
CA ARG B 91 -24.24 18.26 12.89
C ARG B 91 -23.81 17.34 13.99
N LEU B 92 -23.60 16.08 13.65
CA LEU B 92 -23.24 15.09 14.63
C LEU B 92 -21.84 15.26 15.20
N LEU B 93 -20.96 15.92 14.46
CA LEU B 93 -19.61 16.13 14.98
C LEU B 93 -19.57 17.41 15.81
N ALA B 94 -20.54 18.28 15.60
CA ALA B 94 -20.60 19.56 16.33
C ALA B 94 -21.08 19.37 17.77
#